data_8E7N
#
_entry.id   8E7N
#
_cell.length_a   63.083
_cell.length_b   84.159
_cell.length_c   68.498
_cell.angle_alpha   90.00
_cell.angle_beta   93.09
_cell.angle_gamma   90.00
#
_symmetry.space_group_name_H-M   'P 1 21 1'
#
loop_
_entity.id
_entity.type
_entity.pdbx_description
1 polymer 'main protease'
2 non-polymer '(1S,2S)-2-({N-[(benzyloxy)carbonyl]-L-leucyl}amino)-1-hydroxy-3-[(3S)-2-oxopyrrolidin-3-yl]propane-1-sulfonic acid'
3 non-polymer '(1R,2S)-2-({N-[(benzyloxy)carbonyl]-L-leucyl}amino)-1-hydroxy-3-[(3S)-2-oxopyrrolidin-3-yl]propane-1-sulfonic acid'
4 non-polymer GLYCEROL
5 water water
#
_entity_poly.entity_id   1
_entity_poly.type   'polypeptide(L)'
_entity_poly.pdbx_seq_one_letter_code
;AGIKKMVAPSSAVEQCVVSVVHGNTQLNGLWLNDYVLCPRHILGKYTGEQWRDALINANNFDFHILYKGMELQVVGRELV
GALLKLKVSMVNANTPKYKFAKARIGDNFSIACAYNGHVSGLYTVTLRENGTLKGSFMSGSCGSVGYNVTNEGVEFVYMH
HLELPGCVHGGSDLHGIFYGGYVDEEVLQRIPPAPANSRNIVAWLYAAVYNNCDWFVKYGPKQVMSVEDFNEWASGYGFT
KFEYHLAFDVFSAATGVSVEQMLAAIKELADGWNYAPVLGSFHLDDEYSPEMIMQQTSGIVLQ
;
_entity_poly.pdbx_strand_id   A,B
#
# COMPACT_ATOMS: atom_id res chain seq x y z
N ALA A 1 9.45 -7.07 -12.37
CA ALA A 1 10.07 -7.08 -11.06
C ALA A 1 9.65 -5.83 -10.28
N GLY A 2 10.37 -5.52 -9.22
CA GLY A 2 10.04 -4.48 -8.24
C GLY A 2 9.40 -5.04 -6.99
N ILE A 3 9.58 -4.34 -5.87
CA ILE A 3 8.99 -4.77 -4.60
C ILE A 3 8.23 -3.61 -3.99
N LYS A 4 6.96 -3.85 -3.71
CA LYS A 4 6.09 -2.86 -3.08
C LYS A 4 5.32 -3.49 -1.96
N LYS A 5 4.83 -2.64 -1.06
CA LYS A 5 3.88 -3.08 -0.04
C LYS A 5 2.52 -3.34 -0.68
N MET A 6 2.08 -4.57 -0.72
CA MET A 6 0.94 -4.93 -1.56
C MET A 6 -0.30 -5.10 -0.68
N VAL A 7 -1.29 -4.30 -0.92
CA VAL A 7 -2.51 -4.32 -0.15
C VAL A 7 -3.48 -5.27 -0.83
N ALA A 8 -4.36 -6.00 -0.01
CA ALA A 8 -5.32 -6.83 -0.68
C ALA A 8 -6.45 -5.98 -1.27
N PRO A 9 -6.99 -6.37 -2.42
CA PRO A 9 -8.15 -5.62 -2.99
C PRO A 9 -9.28 -5.48 -1.98
N SER A 10 -9.95 -4.33 -1.98
CA SER A 10 -10.82 -3.99 -0.87
C SER A 10 -12.33 -4.14 -1.15
N SER A 11 -12.72 -4.51 -2.36
CA SER A 11 -14.17 -4.50 -2.70
C SER A 11 -15.04 -5.17 -1.65
N ALA A 12 -14.65 -6.39 -1.22
CA ALA A 12 -15.49 -7.13 -0.27
C ALA A 12 -15.58 -6.39 1.04
N VAL A 13 -14.44 -5.81 1.52
CA VAL A 13 -14.49 -5.14 2.81
C VAL A 13 -15.32 -3.87 2.75
N GLU A 14 -15.19 -3.13 1.63
CA GLU A 14 -15.92 -1.88 1.49
C GLU A 14 -17.42 -2.11 1.64
N GLN A 15 -17.89 -3.27 1.21
CA GLN A 15 -19.35 -3.50 1.31
C GLN A 15 -19.80 -3.90 2.71
N CYS A 16 -18.91 -3.82 3.64
CA CYS A 16 -19.15 -4.14 5.04
C CYS A 16 -18.81 -3.02 5.99
N VAL A 17 -18.26 -1.90 5.54
CA VAL A 17 -17.81 -0.88 6.47
C VAL A 17 -18.97 0.08 6.78
N VAL A 18 -19.17 0.37 8.09
CA VAL A 18 -20.26 1.26 8.52
C VAL A 18 -19.71 2.25 9.51
N SER A 19 -20.40 3.39 9.65
CA SER A 19 -20.14 4.24 10.80
C SER A 19 -20.99 3.82 11.98
N VAL A 20 -20.45 4.03 13.20
CA VAL A 20 -21.23 3.87 14.42
C VAL A 20 -20.94 5.09 15.27
N VAL A 21 -22.01 5.77 15.68
CA VAL A 21 -21.92 6.98 16.50
C VAL A 21 -22.76 6.82 17.75
N HIS A 22 -22.21 7.23 18.90
CA HIS A 22 -22.93 7.15 20.16
C HIS A 22 -22.55 8.43 20.87
N GLY A 23 -23.52 9.33 21.05
CA GLY A 23 -23.15 10.58 21.68
C GLY A 23 -22.15 11.31 20.81
N ASN A 24 -21.04 11.73 21.42
CA ASN A 24 -19.98 12.44 20.72
C ASN A 24 -18.91 11.51 20.17
N THR A 25 -19.05 10.21 20.38
CA THR A 25 -18.05 9.25 19.96
C THR A 25 -18.39 8.78 18.55
N GLN A 26 -17.44 8.94 17.63
CA GLN A 26 -17.62 8.58 16.23
C GLN A 26 -16.57 7.55 15.86
N LEU A 27 -17.02 6.38 15.43
CA LEU A 27 -16.02 5.42 14.91
C LEU A 27 -16.71 4.55 13.86
N ASN A 28 -16.07 3.44 13.52
CA ASN A 28 -16.50 2.59 12.43
C ASN A 28 -16.79 1.20 12.93
N GLY A 29 -17.54 0.47 12.12
CA GLY A 29 -17.84 -0.90 12.46
C GLY A 29 -17.79 -1.77 11.23
N LEU A 30 -18.05 -3.07 11.47
CA LEU A 30 -18.01 -4.09 10.43
C LEU A 30 -19.38 -4.77 10.41
N TRP A 31 -20.09 -4.68 9.27
CA TRP A 31 -21.48 -5.18 9.11
C TRP A 31 -21.39 -6.48 8.32
N LEU A 32 -21.76 -7.57 8.98
CA LEU A 32 -21.78 -8.90 8.43
C LEU A 32 -23.09 -9.50 8.84
N ASN A 33 -23.75 -10.18 7.89
CA ASN A 33 -25.01 -10.86 8.27
C ASN A 33 -25.93 -9.81 8.88
N ASP A 34 -26.55 -10.05 10.06
CA ASP A 34 -27.42 -9.06 10.65
C ASP A 34 -26.80 -8.39 11.85
N TYR A 35 -25.47 -8.19 11.86
CA TYR A 35 -24.89 -7.56 13.03
C TYR A 35 -23.74 -6.65 12.60
N VAL A 36 -23.37 -5.78 13.52
CA VAL A 36 -22.21 -4.88 13.33
C VAL A 36 -21.30 -5.05 14.52
N LEU A 37 -20.00 -5.25 14.27
CA LEU A 37 -19.02 -5.28 15.36
C LEU A 37 -18.34 -3.93 15.41
N CYS A 38 -18.05 -3.41 16.60
CA CYS A 38 -17.28 -2.17 16.70
C CYS A 38 -16.60 -2.13 18.04
N PRO A 39 -15.64 -1.26 18.23
CA PRO A 39 -14.94 -1.25 19.50
C PRO A 39 -15.88 -0.87 20.67
N ARG A 40 -15.67 -1.46 21.83
CA ARG A 40 -16.60 -1.17 22.93
C ARG A 40 -16.50 0.24 23.44
N HIS A 41 -15.41 0.97 23.15
CA HIS A 41 -15.35 2.33 23.63
C HIS A 41 -16.25 3.24 22.87
N ILE A 42 -17.03 2.70 21.92
CA ILE A 42 -18.18 3.47 21.44
C ILE A 42 -19.04 3.91 22.63
N LEU A 43 -19.02 3.14 23.73
CA LEU A 43 -19.85 3.43 24.92
C LEU A 43 -19.30 4.56 25.77
N GLY A 44 -18.01 4.84 25.68
CA GLY A 44 -17.37 5.80 26.58
C GLY A 44 -16.07 5.23 27.02
N LYS A 45 -15.42 5.91 27.97
CA LYS A 45 -14.09 5.52 28.42
C LYS A 45 -14.24 4.86 29.78
N TYR A 46 -14.39 3.58 29.76
CA TYR A 46 -14.58 2.78 30.96
C TYR A 46 -13.36 1.90 31.20
N THR A 47 -13.37 1.24 32.35
CA THR A 47 -12.35 0.27 32.69
C THR A 47 -12.95 -1.02 33.22
N GLY A 48 -12.21 -2.11 32.98
CA GLY A 48 -12.48 -3.45 33.48
C GLY A 48 -13.88 -4.00 33.50
N GLU A 49 -14.46 -4.15 34.69
CA GLU A 49 -15.82 -4.69 34.74
C GLU A 49 -16.85 -3.63 34.39
N GLN A 50 -16.44 -2.36 34.27
CA GLN A 50 -17.47 -1.37 33.99
C GLN A 50 -18.08 -1.54 32.60
N TRP A 51 -17.40 -2.23 31.67
CA TRP A 51 -17.93 -2.26 30.31
C TRP A 51 -19.26 -2.99 30.28
N ARG A 52 -19.36 -4.13 30.99
CA ARG A 52 -20.59 -4.92 31.03
C ARG A 52 -21.78 -4.10 31.50
N ASP A 53 -21.59 -3.35 32.55
CA ASP A 53 -22.66 -2.49 33.05
C ASP A 53 -22.97 -1.34 32.10
N ALA A 54 -21.97 -0.75 31.46
CA ALA A 54 -22.25 0.32 30.51
C ALA A 54 -23.07 -0.21 29.33
N LEU A 55 -22.78 -1.42 28.90
CA LEU A 55 -23.55 -2.03 27.80
C LEU A 55 -24.97 -2.34 28.24
N ILE A 56 -25.12 -2.85 29.45
CA ILE A 56 -26.46 -3.15 29.96
C ILE A 56 -27.31 -1.88 30.07
N ASN A 57 -26.70 -0.76 30.49
CA ASN A 57 -27.41 0.50 30.67
C ASN A 57 -27.64 1.30 29.38
N ALA A 58 -26.97 0.98 28.29
CA ALA A 58 -27.21 1.68 27.04
C ALA A 58 -28.58 1.37 26.47
N ASN A 59 -29.08 2.28 25.63
CA ASN A 59 -30.29 2.04 24.85
C ASN A 59 -29.91 1.69 23.40
N ASN A 60 -30.62 0.76 22.79
CA ASN A 60 -30.31 0.47 21.37
C ASN A 60 -30.42 1.72 20.52
N PHE A 61 -31.37 2.60 20.81
CA PHE A 61 -31.62 3.75 19.93
C PHE A 61 -30.56 4.82 20.04
N ASP A 62 -29.67 4.71 21.01
CA ASP A 62 -28.59 5.67 21.11
C ASP A 62 -27.40 5.35 20.20
N PHE A 63 -27.41 4.20 19.52
CA PHE A 63 -26.36 3.86 18.55
C PHE A 63 -26.89 4.21 17.17
N HIS A 64 -26.18 5.06 16.46
CA HIS A 64 -26.58 5.47 15.11
C HIS A 64 -25.58 4.84 14.14
N ILE A 65 -26.08 4.04 13.19
CA ILE A 65 -25.23 3.28 12.25
C ILE A 65 -25.64 3.63 10.85
N LEU A 66 -24.65 3.91 9.97
CA LEU A 66 -24.94 4.19 8.57
C LEU A 66 -24.06 3.31 7.69
N TYR A 67 -24.65 2.77 6.59
CA TYR A 67 -23.92 2.09 5.54
C TYR A 67 -24.09 2.94 4.29
N LYS A 68 -22.99 3.54 3.82
CA LYS A 68 -23.09 4.39 2.65
C LYS A 68 -24.26 5.37 2.79
N GLY A 69 -24.43 5.92 3.99
CA GLY A 69 -25.45 6.94 4.25
C GLY A 69 -26.84 6.41 4.53
N MET A 70 -27.01 5.08 4.49
CA MET A 70 -28.28 4.43 4.78
C MET A 70 -28.32 3.98 6.23
N GLU A 71 -29.44 4.31 6.91
CA GLU A 71 -29.61 4.02 8.32
C GLU A 71 -29.74 2.50 8.54
N LEU A 72 -29.05 1.98 9.55
CA LEU A 72 -29.24 0.63 10.04
C LEU A 72 -29.71 0.73 11.48
N GLN A 73 -30.93 0.23 11.78
CA GLN A 73 -31.44 0.40 13.13
C GLN A 73 -30.85 -0.70 14.03
N VAL A 74 -30.35 -0.30 15.19
CA VAL A 74 -29.88 -1.30 16.16
C VAL A 74 -31.07 -1.90 16.87
N VAL A 75 -31.15 -3.23 16.87
CA VAL A 75 -32.22 -3.93 17.58
C VAL A 75 -31.72 -4.90 18.63
N GLY A 76 -30.40 -4.95 18.88
CA GLY A 76 -29.89 -5.81 19.94
C GLY A 76 -28.46 -5.40 20.20
N ARG A 77 -27.94 -5.79 21.36
CA ARG A 77 -26.57 -5.39 21.67
C ARG A 77 -25.99 -6.41 22.62
N GLU A 78 -24.67 -6.62 22.51
CA GLU A 78 -23.96 -7.62 23.28
C GLU A 78 -22.48 -7.24 23.38
N LEU A 79 -21.86 -7.49 24.53
CA LEU A 79 -20.41 -7.31 24.64
C LEU A 79 -19.71 -8.60 24.26
N VAL A 80 -18.68 -8.49 23.40
CA VAL A 80 -17.91 -9.61 22.92
C VAL A 80 -16.45 -9.18 23.14
N GLY A 81 -15.90 -9.49 24.32
CA GLY A 81 -14.53 -9.09 24.61
C GLY A 81 -14.44 -7.57 24.46
N ALA A 82 -13.45 -7.11 23.68
CA ALA A 82 -13.24 -5.69 23.48
C ALA A 82 -14.18 -5.04 22.47
N LEU A 83 -15.17 -5.78 21.92
CA LEU A 83 -16.07 -5.26 20.90
C LEU A 83 -17.49 -5.23 21.41
N LEU A 84 -18.34 -4.39 20.79
CA LEU A 84 -19.77 -4.57 20.90
C LEU A 84 -20.24 -5.25 19.66
N LYS A 85 -21.17 -6.17 19.81
CA LYS A 85 -21.90 -6.75 18.67
C LYS A 85 -23.32 -6.18 18.69
N LEU A 86 -23.65 -5.39 17.67
CA LEU A 86 -24.93 -4.67 17.59
C LEU A 86 -25.75 -5.34 16.52
N LYS A 87 -26.83 -6.01 16.94
CA LYS A 87 -27.73 -6.59 15.95
C LYS A 87 -28.46 -5.45 15.27
N VAL A 88 -28.66 -5.59 13.94
CA VAL A 88 -29.32 -4.55 13.14
C VAL A 88 -30.49 -5.14 12.36
N SER A 89 -31.33 -4.21 11.87
CA SER A 89 -32.63 -4.50 11.24
C SER A 89 -32.47 -4.97 9.82
N MET A 90 -31.26 -5.01 9.26
CA MET A 90 -31.17 -5.44 7.88
C MET A 90 -29.94 -6.35 7.76
N VAL A 91 -30.10 -7.42 7.01
CA VAL A 91 -29.01 -8.34 6.75
C VAL A 91 -28.15 -7.78 5.61
N ASN A 92 -26.82 -7.83 5.76
CA ASN A 92 -25.95 -7.42 4.66
C ASN A 92 -25.97 -8.47 3.57
N ALA A 93 -26.66 -8.14 2.45
CA ALA A 93 -26.73 -9.07 1.33
C ALA A 93 -25.43 -9.18 0.57
N ASN A 94 -24.43 -8.34 0.90
CA ASN A 94 -23.09 -8.45 0.34
C ASN A 94 -22.10 -9.01 1.34
N THR A 95 -22.58 -9.74 2.35
CA THR A 95 -21.64 -10.38 3.25
C THR A 95 -20.78 -11.35 2.44
N PRO A 96 -19.46 -11.24 2.48
CA PRO A 96 -18.63 -12.19 1.71
C PRO A 96 -18.51 -13.52 2.44
N LYS A 97 -17.92 -14.53 1.75
CA LYS A 97 -17.49 -15.70 2.52
C LYS A 97 -16.35 -15.22 3.43
N TYR A 98 -16.47 -15.43 4.74
CA TYR A 98 -15.46 -14.88 5.64
C TYR A 98 -15.15 -15.84 6.78
N LYS A 99 -13.99 -15.61 7.39
CA LYS A 99 -13.69 -16.17 8.67
C LYS A 99 -12.98 -15.13 9.52
N PHE A 100 -13.12 -15.31 10.82
CA PHE A 100 -12.34 -14.56 11.76
C PHE A 100 -11.14 -15.39 12.08
N ALA A 101 -9.95 -14.82 11.85
CA ALA A 101 -8.73 -15.60 12.12
C ALA A 101 -7.77 -14.69 12.85
N LYS A 102 -6.87 -15.26 13.64
CA LYS A 102 -5.86 -14.52 14.38
C LYS A 102 -4.63 -14.34 13.50
N ALA A 103 -4.22 -13.10 13.31
CA ALA A 103 -2.95 -12.89 12.65
C ALA A 103 -1.85 -13.47 13.55
N ARG A 104 -0.79 -13.98 12.92
CA ARG A 104 0.40 -14.44 13.66
C ARG A 104 1.55 -13.46 13.53
N ILE A 105 2.46 -13.49 14.53
CA ILE A 105 3.58 -12.57 14.48
C ILE A 105 4.32 -12.69 13.14
N GLY A 106 4.68 -11.55 12.56
CA GLY A 106 5.37 -11.52 11.28
C GLY A 106 4.43 -11.43 10.08
N ASP A 107 3.15 -11.81 10.25
CA ASP A 107 2.17 -11.76 9.15
C ASP A 107 1.98 -10.33 8.67
N ASN A 108 1.77 -10.14 7.37
CA ASN A 108 1.11 -8.92 6.89
C ASN A 108 -0.40 -9.06 6.91
N PHE A 109 -1.06 -7.92 7.02
CA PHE A 109 -2.47 -7.82 6.64
C PHE A 109 -2.76 -6.40 6.21
N SER A 110 -3.92 -6.23 5.57
CA SER A 110 -4.29 -4.95 5.00
C SER A 110 -5.24 -4.23 5.92
N ILE A 111 -5.06 -2.90 6.05
CA ILE A 111 -5.95 -2.05 6.85
C ILE A 111 -6.83 -1.24 5.89
N ALA A 112 -8.12 -1.31 6.14
CA ALA A 112 -9.11 -0.43 5.46
C ALA A 112 -9.36 0.73 6.41
N CYS A 113 -8.55 1.80 6.27
CA CYS A 113 -8.58 2.90 7.22
C CYS A 113 -9.81 3.74 6.92
N ALA A 114 -10.76 3.81 7.87
CA ALA A 114 -12.05 4.43 7.61
C ALA A 114 -12.25 5.61 8.55
N TYR A 115 -12.99 6.61 8.03
CA TYR A 115 -13.51 7.72 8.84
C TYR A 115 -14.96 7.89 8.45
N ASN A 116 -15.83 8.15 9.44
CA ASN A 116 -17.24 8.33 9.13
C ASN A 116 -17.84 7.19 8.30
N GLY A 117 -17.35 5.97 8.52
CA GLY A 117 -17.87 4.82 7.84
C GLY A 117 -17.51 4.77 6.36
N HIS A 118 -16.47 5.50 5.93
CA HIS A 118 -16.04 5.49 4.53
C HIS A 118 -14.56 5.15 4.49
N VAL A 119 -14.17 4.13 3.69
CA VAL A 119 -12.74 3.78 3.65
C VAL A 119 -12.03 4.92 2.92
N SER A 120 -11.07 5.56 3.59
CA SER A 120 -10.33 6.68 3.02
C SER A 120 -9.05 6.22 2.35
N GLY A 121 -8.46 5.15 2.84
CA GLY A 121 -7.22 4.67 2.24
C GLY A 121 -6.90 3.33 2.86
N LEU A 122 -6.05 2.57 2.17
CA LEU A 122 -5.61 1.29 2.66
C LEU A 122 -4.09 1.25 2.70
N TYR A 123 -3.57 0.38 3.56
CA TYR A 123 -2.15 0.15 3.60
C TYR A 123 -1.90 -1.19 4.26
N THR A 124 -0.64 -1.66 4.19
CA THR A 124 -0.28 -2.91 4.85
C THR A 124 0.41 -2.67 6.19
N VAL A 125 0.21 -3.62 7.09
CA VAL A 125 0.91 -3.62 8.38
C VAL A 125 1.54 -5.00 8.56
N THR A 126 2.35 -5.10 9.60
CA THR A 126 3.01 -6.34 10.00
C THR A 126 2.79 -6.53 11.49
N LEU A 127 2.32 -7.71 11.91
CA LEU A 127 2.08 -7.90 13.33
C LEU A 127 3.44 -8.05 14.02
N ARG A 128 3.75 -7.13 14.92
CA ARG A 128 5.06 -7.12 15.58
C ARG A 128 5.07 -8.10 16.74
N GLU A 129 6.27 -8.33 17.27
CA GLU A 129 6.42 -9.37 18.27
C GLU A 129 5.56 -9.08 19.49
N ASN A 130 5.35 -7.82 19.80
CA ASN A 130 4.58 -7.45 21.00
C ASN A 130 3.10 -7.22 20.71
N GLY A 131 2.62 -7.67 19.56
CA GLY A 131 1.19 -7.54 19.27
C GLY A 131 0.76 -6.14 18.91
N THR A 132 1.67 -5.27 18.50
CA THR A 132 1.34 -3.93 17.98
C THR A 132 1.62 -3.88 16.48
N LEU A 133 1.14 -2.80 15.86
CA LEU A 133 1.35 -2.48 14.45
C LEU A 133 1.95 -1.12 14.29
N LYS A 134 2.71 -0.91 13.19
CA LYS A 134 3.06 0.45 12.80
C LYS A 134 2.06 0.87 11.72
N GLY A 135 0.97 1.52 12.13
CA GLY A 135 -0.05 1.88 11.19
C GLY A 135 -0.08 3.37 10.99
N SER A 136 -1.28 3.87 10.59
CA SER A 136 -1.50 5.29 10.36
C SER A 136 -2.97 5.52 10.66
N PHE A 137 -3.24 6.11 11.82
CA PHE A 137 -4.62 6.23 12.26
C PHE A 137 -4.77 7.56 12.98
N MET A 138 -5.90 8.25 12.73
CA MET A 138 -6.24 9.47 13.46
C MET A 138 -7.54 9.28 14.20
N SER A 139 -7.89 10.28 15.01
CA SER A 139 -9.18 10.23 15.67
C SER A 139 -10.29 10.00 14.65
N GLY A 140 -11.27 9.17 15.04
CA GLY A 140 -12.34 8.76 14.14
C GLY A 140 -12.09 7.44 13.38
N SER A 141 -10.88 6.88 13.45
CA SER A 141 -10.55 5.70 12.65
C SER A 141 -10.74 4.41 13.42
N CYS A 142 -11.12 4.47 14.70
CA CYS A 142 -11.35 3.21 15.41
C CYS A 142 -12.43 2.36 14.74
N GLY A 143 -12.30 1.04 14.92
CA GLY A 143 -13.23 0.16 14.17
C GLY A 143 -12.78 -0.16 12.75
N SER A 144 -11.75 0.50 12.21
CA SER A 144 -11.14 0.09 10.93
C SER A 144 -10.65 -1.32 11.07
N VAL A 145 -10.85 -2.12 10.04
CA VAL A 145 -10.45 -3.52 10.15
C VAL A 145 -9.24 -3.85 9.34
N GLY A 146 -8.55 -4.88 9.79
CA GLY A 146 -7.45 -5.47 9.04
C GLY A 146 -7.92 -6.80 8.49
N TYR A 147 -7.45 -7.12 7.27
CA TYR A 147 -8.03 -8.29 6.58
C TYR A 147 -6.99 -8.84 5.62
N ASN A 148 -7.21 -10.08 5.23
CA ASN A 148 -6.53 -10.69 4.07
C ASN A 148 -7.58 -11.26 3.14
N VAL A 149 -7.18 -11.48 1.89
CA VAL A 149 -8.10 -12.09 0.92
C VAL A 149 -7.46 -13.41 0.52
N THR A 150 -8.21 -14.52 0.64
CA THR A 150 -7.64 -15.85 0.47
C THR A 150 -8.54 -16.59 -0.47
N ASN A 151 -8.16 -17.84 -0.76
CA ASN A 151 -9.00 -18.67 -1.63
C ASN A 151 -10.42 -18.76 -1.08
N GLU A 152 -10.51 -19.12 0.22
CA GLU A 152 -11.80 -19.28 0.89
C GLU A 152 -12.64 -18.00 0.89
N GLY A 153 -12.03 -16.81 0.94
CA GLY A 153 -12.83 -15.58 0.87
C GLY A 153 -12.12 -14.39 1.53
N VAL A 154 -12.68 -13.78 2.57
CA VAL A 154 -12.00 -12.75 3.35
C VAL A 154 -11.67 -13.31 4.73
N GLU A 155 -10.51 -12.97 5.25
CA GLU A 155 -10.15 -13.28 6.61
C GLU A 155 -10.10 -11.94 7.32
N PHE A 156 -10.96 -11.76 8.31
CA PHE A 156 -10.89 -10.54 9.13
C PHE A 156 -10.04 -10.86 10.35
N VAL A 157 -8.95 -10.11 10.53
CA VAL A 157 -8.00 -10.44 11.57
C VAL A 157 -7.85 -9.33 12.60
N TYR A 158 -8.28 -8.10 12.31
CA TYR A 158 -7.94 -7.01 13.22
C TYR A 158 -9.06 -5.98 13.21
N MET A 159 -9.28 -5.38 14.35
CA MET A 159 -10.07 -4.15 14.52
C MET A 159 -9.35 -3.14 15.36
N HIS A 160 -9.32 -1.88 14.89
CA HIS A 160 -8.44 -0.89 15.51
C HIS A 160 -9.05 -0.24 16.77
N HIS A 161 -8.26 -0.14 17.85
CA HIS A 161 -8.73 0.53 19.08
C HIS A 161 -7.88 1.71 19.57
N LEU A 162 -6.56 1.71 19.42
N LEU A 162 -6.56 1.72 19.41
CA LEU A 162 -5.79 2.66 20.24
CA LEU A 162 -5.85 2.76 20.18
C LEU A 162 -4.42 2.94 19.63
C LEU A 162 -4.42 2.94 19.67
N GLU A 163 -3.86 4.10 20.01
CA GLU A 163 -2.49 4.44 19.65
C GLU A 163 -1.64 4.48 20.91
N LEU A 164 -0.54 3.79 20.87
CA LEU A 164 0.40 3.66 21.96
C LEU A 164 1.58 4.55 21.74
N PRO A 165 2.42 4.71 22.77
CA PRO A 165 3.54 5.64 22.63
C PRO A 165 4.44 5.19 21.48
N GLY A 166 5.00 6.16 20.78
CA GLY A 166 5.91 5.85 19.71
C GLY A 166 5.21 5.65 18.40
N CYS A 167 4.00 6.20 18.27
CA CYS A 167 3.26 6.11 17.02
C CYS A 167 3.06 4.63 16.67
N VAL A 168 2.75 3.82 17.68
CA VAL A 168 2.41 2.42 17.39
C VAL A 168 0.97 2.17 17.80
N HIS A 169 0.40 1.09 17.23
CA HIS A 169 -1.04 0.91 17.26
C HIS A 169 -1.41 -0.45 17.82
N GLY A 170 -2.54 -0.47 18.51
CA GLY A 170 -3.06 -1.70 19.11
C GLY A 170 -4.54 -1.89 18.84
N GLY A 171 -4.95 -3.15 18.86
CA GLY A 171 -6.35 -3.47 18.61
C GLY A 171 -6.59 -4.91 18.94
N SER A 172 -7.72 -5.43 18.44
CA SER A 172 -8.17 -6.77 18.80
C SER A 172 -8.39 -7.63 17.56
N ASP A 173 -8.57 -8.93 17.77
CA ASP A 173 -9.15 -9.73 16.69
C ASP A 173 -10.68 -9.53 16.68
N LEU A 174 -11.37 -10.24 15.80
CA LEU A 174 -12.79 -9.97 15.66
C LEU A 174 -13.62 -10.78 16.66
N HIS A 175 -12.96 -11.54 17.52
CA HIS A 175 -13.54 -12.01 18.79
C HIS A 175 -13.31 -11.08 19.98
N GLY A 176 -12.74 -9.87 19.76
CA GLY A 176 -12.54 -8.95 20.85
C GLY A 176 -11.37 -9.27 21.74
N ILE A 177 -10.40 -10.06 21.30
CA ILE A 177 -9.23 -10.39 22.09
C ILE A 177 -8.10 -9.41 21.69
N PHE A 178 -7.54 -8.69 22.64
CA PHE A 178 -6.45 -7.75 22.26
C PHE A 178 -5.22 -8.53 21.81
N TYR A 179 -4.45 -7.94 20.87
CA TYR A 179 -3.30 -8.66 20.27
C TYR A 179 -2.05 -8.63 21.14
N GLY A 180 -2.01 -7.76 22.11
CA GLY A 180 -0.83 -7.76 23.00
C GLY A 180 -1.21 -7.37 24.41
N GLY A 181 -0.19 -7.08 25.22
CA GLY A 181 -0.45 -6.83 26.63
C GLY A 181 -0.92 -5.41 26.92
N TYR A 182 -1.99 -4.98 26.28
CA TYR A 182 -2.50 -3.64 26.46
C TYR A 182 -4.02 -3.77 26.50
N VAL A 183 -4.66 -2.71 26.97
CA VAL A 183 -6.13 -2.61 27.04
C VAL A 183 -6.55 -1.26 26.50
N ASP A 184 -7.87 -1.11 26.29
CA ASP A 184 -8.42 0.11 25.72
C ASP A 184 -8.70 1.11 26.85
N GLU A 185 -7.61 1.57 27.49
CA GLU A 185 -7.70 2.58 28.55
C GLU A 185 -6.64 3.64 28.30
N GLU A 186 -6.99 4.89 28.55
CA GLU A 186 -6.09 6.01 28.24
C GLU A 186 -5.20 6.30 29.44
N VAL A 187 -4.41 5.31 29.81
CA VAL A 187 -3.37 5.43 30.81
C VAL A 187 -2.10 4.83 30.24
N LEU A 188 -0.95 5.28 30.76
CA LEU A 188 0.32 4.82 30.21
C LEU A 188 0.43 3.34 30.42
N GLN A 189 0.81 2.63 29.36
CA GLN A 189 0.95 1.18 29.44
C GLN A 189 2.33 0.84 28.95
N ARG A 190 2.98 0.00 29.71
CA ARG A 190 4.35 -0.40 29.43
C ARG A 190 4.26 -1.64 28.58
N ILE A 191 4.81 -1.59 27.38
CA ILE A 191 4.77 -2.88 26.71
C ILE A 191 6.18 -3.25 26.27
N PRO A 192 6.49 -4.52 26.28
CA PRO A 192 7.85 -4.99 25.90
C PRO A 192 8.24 -4.53 24.51
N PRO A 193 9.49 -4.14 24.30
CA PRO A 193 9.96 -3.81 22.94
C PRO A 193 9.84 -4.99 21.98
N ALA A 194 9.85 -4.66 20.70
CA ALA A 194 9.62 -5.63 19.64
C ALA A 194 10.93 -5.82 18.87
N PRO A 195 11.54 -6.98 18.95
CA PRO A 195 12.75 -7.26 18.14
C PRO A 195 12.39 -7.31 16.65
N ALA A 196 13.43 -7.13 15.80
CA ALA A 196 13.24 -7.22 14.36
C ALA A 196 12.94 -8.64 13.95
N ASN A 197 12.03 -8.82 12.99
CA ASN A 197 11.64 -10.16 12.60
C ASN A 197 12.63 -10.76 11.60
N SER A 198 13.45 -11.71 12.04
CA SER A 198 14.48 -12.30 11.17
C SER A 198 13.92 -13.03 9.98
N ARG A 199 12.81 -13.78 10.18
CA ARG A 199 12.20 -14.50 9.08
C ARG A 199 11.85 -13.53 7.96
N ASN A 200 11.18 -12.44 8.32
CA ASN A 200 10.78 -11.50 7.26
C ASN A 200 12.00 -10.86 6.61
N ILE A 201 13.03 -10.57 7.40
CA ILE A 201 14.24 -10.01 6.77
C ILE A 201 14.77 -10.99 5.73
N VAL A 202 14.81 -12.31 6.05
CA VAL A 202 15.28 -13.30 5.09
C VAL A 202 14.46 -13.19 3.82
N ALA A 203 13.11 -13.09 3.96
CA ALA A 203 12.28 -12.96 2.76
C ALA A 203 12.63 -11.72 1.96
N TRP A 204 12.88 -10.60 2.64
CA TRP A 204 13.23 -9.36 1.95
C TRP A 204 14.60 -9.44 1.24
N LEU A 205 15.57 -10.09 1.88
CA LEU A 205 16.85 -10.29 1.19
C LEU A 205 16.67 -11.20 -0.04
N TYR A 206 15.86 -12.25 0.08
CA TYR A 206 15.56 -13.00 -1.12
C TYR A 206 14.93 -12.12 -2.19
N ALA A 207 14.00 -11.25 -1.78
CA ALA A 207 13.38 -10.34 -2.74
C ALA A 207 14.45 -9.53 -3.44
N ALA A 208 15.43 -9.02 -2.68
CA ALA A 208 16.51 -8.28 -3.32
C ALA A 208 17.23 -9.12 -4.40
N VAL A 209 17.57 -10.37 -4.07
CA VAL A 209 18.29 -11.23 -5.03
C VAL A 209 17.45 -11.48 -6.28
N TYR A 210 16.13 -11.72 -6.11
CA TYR A 210 15.24 -11.82 -7.26
C TYR A 210 15.29 -10.59 -8.13
N ASN A 211 15.54 -9.43 -7.51
CA ASN A 211 15.62 -8.17 -8.21
C ASN A 211 17.06 -7.78 -8.54
N ASN A 212 17.95 -8.77 -8.66
CA ASN A 212 19.34 -8.52 -9.12
C ASN A 212 20.09 -7.61 -8.17
N CYS A 213 19.79 -7.69 -6.89
CA CYS A 213 20.58 -6.94 -5.90
C CYS A 213 21.12 -8.02 -4.95
N ASP A 214 22.40 -8.39 -5.11
CA ASP A 214 22.89 -9.52 -4.35
C ASP A 214 24.29 -9.25 -3.84
N TRP A 215 24.71 -7.97 -3.79
CA TRP A 215 26.07 -7.68 -3.35
C TRP A 215 26.33 -8.17 -1.93
N PHE A 216 25.30 -8.19 -1.07
CA PHE A 216 25.52 -8.55 0.30
C PHE A 216 25.76 -10.04 0.51
N VAL A 217 25.56 -10.91 -0.49
CA VAL A 217 25.92 -12.32 -0.32
C VAL A 217 27.18 -12.65 -1.12
N LYS A 218 27.82 -11.66 -1.71
CA LYS A 218 29.04 -11.93 -2.52
C LYS A 218 30.32 -11.33 -1.89
N LYS A 222 33.64 -17.49 1.45
CA LYS A 222 32.29 -17.37 1.96
C LYS A 222 32.34 -17.36 3.51
N GLN A 223 31.18 -17.12 4.15
CA GLN A 223 31.00 -17.55 5.55
C GLN A 223 29.49 -17.62 5.80
N VAL A 224 28.89 -18.82 5.66
CA VAL A 224 27.49 -19.06 5.96
C VAL A 224 27.32 -19.12 7.47
N MET A 225 26.08 -18.99 7.94
CA MET A 225 25.83 -19.14 9.38
C MET A 225 24.66 -20.09 9.63
N SER A 226 24.91 -21.08 10.47
CA SER A 226 23.90 -22.08 10.80
C SER A 226 22.73 -21.46 11.57
N VAL A 227 21.57 -22.08 11.44
CA VAL A 227 20.40 -21.60 12.17
C VAL A 227 20.70 -21.54 13.65
N GLU A 228 21.39 -22.57 14.17
CA GLU A 228 21.75 -22.60 15.59
C GLU A 228 22.63 -21.40 15.98
N ASP A 229 23.68 -21.14 15.21
CA ASP A 229 24.53 -20.00 15.55
C ASP A 229 23.77 -18.69 15.38
N PHE A 230 22.98 -18.59 14.31
CA PHE A 230 22.16 -17.40 14.15
C PHE A 230 21.26 -17.17 15.37
N ASN A 231 20.53 -18.20 15.80
CA ASN A 231 19.60 -17.98 16.92
C ASN A 231 20.32 -17.51 18.16
N GLU A 232 21.49 -18.08 18.42
CA GLU A 232 22.23 -17.59 19.58
C GLU A 232 22.60 -16.11 19.41
N TRP A 233 23.09 -15.73 18.23
CA TRP A 233 23.49 -14.34 18.02
C TRP A 233 22.27 -13.42 18.12
N ALA A 234 21.14 -13.83 17.51
CA ALA A 234 19.96 -12.99 17.43
C ALA A 234 19.41 -12.69 18.83
N SER A 235 19.39 -13.71 19.69
CA SER A 235 18.82 -13.56 21.02
C SER A 235 19.53 -12.48 21.82
N GLY A 236 20.77 -12.13 21.48
CA GLY A 236 21.49 -11.09 22.18
C GLY A 236 21.60 -9.80 21.40
N TYR A 237 20.91 -9.66 20.31
CA TYR A 237 21.09 -8.50 19.45
C TYR A 237 19.75 -7.96 18.94
N GLY A 238 18.63 -8.39 19.49
CA GLY A 238 17.39 -7.67 19.20
C GLY A 238 16.71 -8.17 17.95
N PHE A 239 17.04 -9.37 17.52
CA PHE A 239 16.39 -10.04 16.40
C PHE A 239 15.69 -11.28 16.90
N THR A 240 14.59 -11.66 16.23
CA THR A 240 13.93 -12.91 16.59
C THR A 240 14.73 -14.13 16.13
N LYS A 241 14.44 -15.27 16.75
CA LYS A 241 15.00 -16.50 16.22
C LYS A 241 14.47 -16.75 14.83
N PHE A 242 15.29 -17.42 14.02
CA PHE A 242 14.83 -17.75 12.68
C PHE A 242 13.61 -18.67 12.78
N GLU A 243 12.66 -18.50 11.87
CA GLU A 243 11.54 -19.41 11.75
C GLU A 243 11.39 -19.82 10.30
N TYR A 244 11.22 -21.13 10.06
CA TYR A 244 11.06 -21.64 8.71
C TYR A 244 9.75 -21.09 8.12
N HIS A 245 9.76 -20.88 6.84
CA HIS A 245 8.52 -20.61 6.10
C HIS A 245 8.61 -21.33 4.78
N LEU A 246 7.50 -21.96 4.37
CA LEU A 246 7.70 -22.80 3.17
C LEU A 246 7.98 -22.01 1.88
N ALA A 247 7.80 -20.67 1.87
CA ALA A 247 8.24 -19.92 0.70
C ALA A 247 9.74 -20.05 0.46
N PHE A 248 10.51 -20.27 1.54
CA PHE A 248 11.94 -20.29 1.39
C PHE A 248 12.41 -21.46 0.52
N ASP A 249 11.65 -22.55 0.44
CA ASP A 249 12.04 -23.63 -0.49
C ASP A 249 12.05 -23.10 -1.90
N VAL A 250 11.05 -22.30 -2.25
CA VAL A 250 10.98 -21.73 -3.59
C VAL A 250 12.11 -20.71 -3.78
N PHE A 251 12.23 -19.76 -2.85
CA PHE A 251 13.23 -18.71 -3.04
C PHE A 251 14.64 -19.28 -3.17
N SER A 252 14.99 -20.25 -2.33
CA SER A 252 16.38 -20.71 -2.30
C SER A 252 16.68 -21.46 -3.60
N ALA A 253 15.70 -22.19 -4.09
CA ALA A 253 15.90 -22.93 -5.34
C ALA A 253 16.03 -21.98 -6.52
N ALA A 254 15.19 -20.94 -6.56
CA ALA A 254 15.21 -20.03 -7.70
C ALA A 254 16.46 -19.18 -7.70
N THR A 255 16.91 -18.72 -6.55
CA THR A 255 18.05 -17.79 -6.47
C THR A 255 19.38 -18.50 -6.32
N GLY A 256 19.40 -19.75 -5.88
CA GLY A 256 20.66 -20.38 -5.58
C GLY A 256 21.30 -19.87 -4.32
N VAL A 257 20.55 -19.19 -3.45
CA VAL A 257 21.14 -18.66 -2.22
C VAL A 257 20.46 -19.35 -1.04
N SER A 258 21.25 -19.93 -0.13
CA SER A 258 20.68 -20.72 0.99
C SER A 258 20.25 -19.79 2.13
N VAL A 259 19.36 -20.29 2.99
CA VAL A 259 18.98 -19.55 4.18
C VAL A 259 20.22 -19.23 5.02
N GLU A 260 21.19 -20.16 5.09
CA GLU A 260 22.37 -19.88 5.93
C GLU A 260 23.22 -18.75 5.36
N GLN A 261 23.26 -18.60 4.05
CA GLN A 261 23.89 -17.42 3.50
C GLN A 261 23.15 -16.17 3.95
N MET A 262 21.82 -16.28 4.03
CA MET A 262 21.07 -15.06 4.30
C MET A 262 21.24 -14.71 5.79
N LEU A 263 21.27 -15.74 6.64
CA LEU A 263 21.47 -15.49 8.08
C LEU A 263 22.82 -14.82 8.34
N ALA A 264 23.88 -15.29 7.64
CA ALA A 264 25.18 -14.62 7.78
C ALA A 264 25.06 -13.17 7.35
N ALA A 265 24.30 -12.92 6.26
CA ALA A 265 24.13 -11.54 5.78
C ALA A 265 23.42 -10.66 6.82
N ILE A 266 22.36 -11.20 7.46
CA ILE A 266 21.69 -10.42 8.52
C ILE A 266 22.71 -10.01 9.58
N LYS A 267 23.59 -10.94 9.97
CA LYS A 267 24.55 -10.55 11.02
C LYS A 267 25.50 -9.45 10.54
N GLU A 268 26.03 -9.58 9.31
CA GLU A 268 26.89 -8.56 8.75
C GLU A 268 26.18 -7.22 8.64
N LEU A 269 24.88 -7.23 8.28
CA LEU A 269 24.17 -6.00 7.94
C LEU A 269 23.37 -5.43 9.13
N ALA A 270 23.49 -6.01 10.30
CA ALA A 270 22.56 -5.71 11.41
C ALA A 270 22.66 -4.29 11.92
N ASP A 271 23.81 -3.66 11.77
CA ASP A 271 24.00 -2.28 12.19
C ASP A 271 23.83 -1.32 11.04
N GLY A 272 23.35 -1.78 9.88
CA GLY A 272 23.20 -0.87 8.75
C GLY A 272 24.43 -0.92 7.88
N TRP A 273 24.39 -0.17 6.78
CA TRP A 273 25.47 -0.19 5.80
C TRP A 273 25.37 1.07 4.96
N ASN A 274 26.44 1.34 4.19
CA ASN A 274 26.28 2.37 3.18
C ASN A 274 26.95 2.03 1.86
N TYR A 275 27.41 0.79 1.68
CA TYR A 275 28.01 0.37 0.41
C TYR A 275 27.10 0.67 -0.76
N ALA A 276 25.85 0.19 -0.71
CA ALA A 276 24.89 0.37 -1.79
C ALA A 276 23.51 0.12 -1.19
N PRO A 277 22.47 0.59 -1.81
CA PRO A 277 21.11 0.26 -1.32
C PRO A 277 20.80 -1.23 -1.49
N VAL A 278 19.87 -1.69 -0.69
CA VAL A 278 19.19 -2.97 -0.94
C VAL A 278 17.73 -2.62 -1.04
N LEU A 279 17.13 -2.76 -2.25
CA LEU A 279 15.73 -2.40 -2.47
C LEU A 279 15.45 -0.99 -1.96
N GLY A 280 16.40 -0.08 -2.26
CA GLY A 280 16.33 1.32 -1.84
C GLY A 280 16.74 1.62 -0.41
N SER A 281 17.07 0.64 0.40
CA SER A 281 17.20 0.83 1.83
C SER A 281 18.64 0.62 2.30
N PHE A 282 18.96 1.26 3.42
CA PHE A 282 20.27 1.09 4.07
C PHE A 282 20.15 0.47 5.45
N HIS A 283 19.00 -0.16 5.73
CA HIS A 283 18.82 -0.89 6.96
C HIS A 283 17.95 -2.08 6.61
N LEU A 284 18.09 -3.17 7.39
CA LEU A 284 17.31 -4.39 7.10
C LEU A 284 15.82 -4.11 7.31
N ASP A 285 15.00 -4.62 6.39
CA ASP A 285 13.57 -4.35 6.43
C ASP A 285 12.87 -5.63 6.83
N ASP A 286 12.12 -5.57 7.95
CA ASP A 286 11.38 -6.74 8.44
C ASP A 286 9.89 -6.63 8.19
N GLU A 287 9.44 -5.68 7.37
CA GLU A 287 8.00 -5.48 7.23
C GLU A 287 7.36 -6.31 6.14
N TYR A 288 8.11 -7.10 5.40
CA TYR A 288 7.53 -7.93 4.33
C TYR A 288 7.48 -9.39 4.78
N SER A 289 6.28 -9.95 4.82
CA SER A 289 6.18 -11.39 5.09
C SER A 289 6.66 -12.19 3.90
N PRO A 290 7.01 -13.44 4.10
CA PRO A 290 7.39 -14.26 2.94
C PRO A 290 6.25 -14.37 1.93
N GLU A 291 4.96 -14.35 2.37
CA GLU A 291 3.87 -14.43 1.39
C GLU A 291 3.84 -13.20 0.51
N MET A 292 4.10 -12.02 1.09
CA MET A 292 4.11 -10.81 0.28
C MET A 292 5.27 -10.78 -0.73
N ILE A 293 6.39 -11.39 -0.38
CA ILE A 293 7.50 -11.46 -1.34
C ILE A 293 7.16 -12.46 -2.43
N MET A 294 6.66 -13.64 -2.04
CA MET A 294 6.31 -14.67 -3.02
C MET A 294 5.33 -14.13 -4.04
N GLN A 295 4.36 -13.33 -3.61
CA GLN A 295 3.36 -12.87 -4.56
C GLN A 295 3.98 -11.94 -5.59
N GLN A 296 5.15 -11.37 -5.29
CA GLN A 296 5.79 -10.39 -6.15
C GLN A 296 6.98 -10.91 -6.88
N THR A 297 7.30 -12.21 -6.73
CA THR A 297 8.46 -12.75 -7.38
C THR A 297 8.16 -14.01 -8.18
N SER A 298 6.97 -14.60 -8.02
CA SER A 298 6.73 -15.95 -8.56
C SER A 298 6.85 -16.01 -10.10
N GLY A 299 6.69 -14.88 -10.77
CA GLY A 299 6.74 -14.83 -12.22
C GLY A 299 8.03 -14.29 -12.78
N ILE A 300 9.01 -14.03 -11.90
CA ILE A 300 10.32 -13.54 -12.32
C ILE A 300 11.11 -14.68 -12.96
N VAL A 301 11.51 -14.48 -14.21
CA VAL A 301 12.29 -15.51 -14.90
C VAL A 301 13.75 -15.44 -14.50
N LEU A 302 14.40 -14.32 -14.81
CA LEU A 302 15.84 -14.12 -14.65
C LEU A 302 16.44 -14.87 -13.44
N ALA B 1 -1.56 9.23 14.45
CA ALA B 1 -0.15 9.32 14.00
C ALA B 1 0.24 8.11 13.18
N GLY B 2 1.48 8.12 12.72
CA GLY B 2 1.99 7.13 11.81
C GLY B 2 1.91 7.63 10.38
N ILE B 3 2.81 7.12 9.56
CA ILE B 3 2.87 7.53 8.16
C ILE B 3 2.98 6.28 7.30
N LYS B 4 2.03 6.10 6.39
CA LYS B 4 2.05 4.93 5.52
C LYS B 4 1.74 5.35 4.10
N LYS B 5 2.09 4.49 3.14
CA LYS B 5 1.71 4.73 1.75
C LYS B 5 0.23 4.37 1.63
N MET B 6 -0.62 5.35 1.37
CA MET B 6 -2.06 5.15 1.37
C MET B 6 -2.55 4.81 -0.05
N VAL B 7 -3.17 3.64 -0.23
CA VAL B 7 -3.81 3.27 -1.49
C VAL B 7 -5.28 3.65 -1.46
N ALA B 8 -5.82 4.04 -2.61
CA ALA B 8 -7.25 4.30 -2.67
C ALA B 8 -8.03 2.99 -2.76
N PRO B 9 -9.23 2.93 -2.16
CA PRO B 9 -10.02 1.69 -2.22
C PRO B 9 -10.34 1.31 -3.67
N SER B 10 -10.42 0.01 -3.93
CA SER B 10 -10.39 -0.49 -5.29
C SER B 10 -11.73 -1.03 -5.80
N SER B 11 -12.81 -0.94 -5.00
CA SER B 11 -14.04 -1.61 -5.44
C SER B 11 -14.48 -1.14 -6.82
N ALA B 12 -14.46 0.16 -7.06
CA ALA B 12 -14.97 0.62 -8.36
C ALA B 12 -14.09 0.16 -9.51
N VAL B 13 -12.77 0.07 -9.29
CA VAL B 13 -11.85 -0.42 -10.33
C VAL B 13 -12.03 -1.92 -10.56
N GLU B 14 -12.14 -2.71 -9.48
CA GLU B 14 -12.26 -4.16 -9.67
C GLU B 14 -13.43 -4.55 -10.57
N GLN B 15 -14.54 -3.80 -10.51
CA GLN B 15 -15.71 -4.14 -11.32
C GLN B 15 -15.47 -3.84 -12.79
N CYS B 16 -14.29 -3.28 -13.12
CA CYS B 16 -13.93 -2.98 -14.51
C CYS B 16 -12.75 -3.78 -15.03
N VAL B 17 -12.07 -4.59 -14.23
CA VAL B 17 -10.85 -5.24 -14.70
C VAL B 17 -11.22 -6.53 -15.42
N VAL B 18 -10.66 -6.73 -16.62
CA VAL B 18 -10.96 -7.91 -17.42
C VAL B 18 -9.64 -8.49 -17.93
N SER B 19 -9.66 -9.78 -18.32
CA SER B 19 -8.53 -10.30 -19.04
C SER B 19 -8.74 -10.12 -20.52
N VAL B 20 -7.65 -9.89 -21.23
CA VAL B 20 -7.67 -9.89 -22.71
C VAL B 20 -6.53 -10.78 -23.17
N VAL B 21 -6.87 -11.79 -23.98
CA VAL B 21 -5.88 -12.73 -24.48
C VAL B 21 -5.97 -12.77 -25.99
N HIS B 22 -4.83 -12.68 -26.63
CA HIS B 22 -4.75 -12.76 -28.08
C HIS B 22 -3.53 -13.59 -28.42
N GLY B 23 -3.73 -14.75 -29.06
CA GLY B 23 -2.53 -15.53 -29.31
C GLY B 23 -1.91 -15.97 -28.00
N ASN B 24 -0.58 -15.88 -27.91
CA ASN B 24 0.11 -16.17 -26.66
C ASN B 24 0.23 -14.97 -25.75
N THR B 25 -0.38 -13.84 -26.09
CA THR B 25 -0.23 -12.65 -25.24
C THR B 25 -1.38 -12.60 -24.24
N GLN B 26 -1.07 -12.52 -22.95
CA GLN B 26 -2.11 -12.46 -21.91
C GLN B 26 -1.89 -11.20 -21.12
N LEU B 27 -2.89 -10.31 -21.12
CA LEU B 27 -2.76 -9.11 -20.27
C LEU B 27 -4.16 -8.75 -19.81
N ASN B 28 -4.33 -7.51 -19.28
CA ASN B 28 -5.57 -7.09 -18.65
C ASN B 28 -6.08 -5.88 -19.41
N GLY B 29 -7.37 -5.65 -19.28
CA GLY B 29 -7.99 -4.45 -19.81
C GLY B 29 -8.89 -3.77 -18.80
N LEU B 30 -9.46 -2.69 -19.26
CA LEU B 30 -10.36 -1.88 -18.46
C LEU B 30 -11.67 -1.78 -19.22
N TRP B 31 -12.75 -2.26 -18.60
CA TRP B 31 -14.07 -2.34 -19.23
C TRP B 31 -14.94 -1.21 -18.69
N LEU B 32 -15.25 -0.26 -19.57
CA LEU B 32 -16.11 0.87 -19.22
C LEU B 32 -17.18 0.99 -20.29
N ASN B 33 -18.41 1.29 -19.88
CA ASN B 33 -19.50 1.37 -20.87
C ASN B 33 -19.46 0.12 -21.76
N ASP B 34 -19.39 0.27 -23.09
CA ASP B 34 -19.39 -0.88 -23.96
C ASP B 34 -18.04 -1.08 -24.64
N TYR B 35 -16.94 -0.77 -23.94
CA TYR B 35 -15.65 -1.00 -24.57
C TYR B 35 -14.61 -1.44 -23.54
N VAL B 36 -13.53 -2.02 -24.04
CA VAL B 36 -12.40 -2.43 -23.21
C VAL B 36 -11.16 -1.73 -23.75
N LEU B 37 -10.37 -1.13 -22.86
CA LEU B 37 -9.09 -0.56 -23.28
C LEU B 37 -7.98 -1.49 -22.81
N CYS B 38 -6.96 -1.71 -23.64
CA CYS B 38 -5.81 -2.48 -23.19
C CYS B 38 -4.60 -2.06 -24.00
N PRO B 39 -3.39 -2.41 -23.55
CA PRO B 39 -2.16 -1.98 -24.28
C PRO B 39 -2.15 -2.56 -25.69
N ARG B 40 -1.69 -1.73 -26.64
CA ARG B 40 -1.76 -2.23 -28.04
C ARG B 40 -0.87 -3.43 -28.30
N HIS B 41 0.14 -3.69 -27.49
CA HIS B 41 0.93 -4.90 -27.73
C HIS B 41 0.17 -6.20 -27.45
N ILE B 42 -1.10 -6.15 -27.08
CA ILE B 42 -1.96 -7.33 -27.21
C ILE B 42 -1.89 -7.86 -28.65
N LEU B 43 -1.60 -6.99 -29.61
CA LEU B 43 -1.52 -7.40 -31.01
C LEU B 43 -0.25 -8.17 -31.34
N GLY B 44 0.84 -8.00 -30.55
CA GLY B 44 2.16 -8.52 -30.78
C GLY B 44 3.18 -7.40 -30.60
N LYS B 45 4.41 -7.63 -31.01
CA LYS B 45 5.43 -6.59 -30.84
C LYS B 45 5.81 -5.93 -32.17
N TYR B 46 5.31 -4.70 -32.33
CA TYR B 46 5.42 -3.97 -33.57
C TYR B 46 6.10 -2.65 -33.27
N THR B 47 6.34 -1.85 -34.34
CA THR B 47 6.85 -0.49 -34.24
C THR B 47 6.12 0.42 -35.24
N GLY B 48 5.89 1.69 -34.84
CA GLY B 48 5.46 2.73 -35.78
C GLY B 48 4.17 2.42 -36.53
N GLU B 49 4.23 2.47 -37.87
CA GLU B 49 3.04 2.21 -38.66
C GLU B 49 2.67 0.74 -38.70
N GLN B 50 3.53 -0.14 -38.15
CA GLN B 50 3.16 -1.54 -38.14
C GLN B 50 1.97 -1.79 -37.24
N TRP B 51 1.77 -0.94 -36.24
CA TRP B 51 0.61 -1.11 -35.35
C TRP B 51 -0.68 -0.99 -36.11
N ARG B 52 -0.78 0.02 -36.98
CA ARG B 52 -2.01 0.19 -37.75
C ARG B 52 -2.25 -1.02 -38.65
N ASP B 53 -1.21 -1.54 -39.29
CA ASP B 53 -1.39 -2.72 -40.13
C ASP B 53 -1.78 -3.96 -39.31
N ALA B 54 -1.17 -4.14 -38.14
CA ALA B 54 -1.57 -5.24 -37.27
C ALA B 54 -3.03 -5.08 -36.83
N LEU B 55 -3.46 -3.83 -36.59
CA LEU B 55 -4.86 -3.60 -36.25
C LEU B 55 -5.79 -4.01 -37.41
N ILE B 56 -5.50 -3.52 -38.62
CA ILE B 56 -6.36 -3.84 -39.76
C ILE B 56 -6.46 -5.35 -39.94
N ASN B 57 -5.34 -6.05 -39.80
CA ASN B 57 -5.33 -7.48 -40.12
C ASN B 57 -5.84 -8.40 -39.01
N ALA B 58 -6.06 -7.86 -37.81
CA ALA B 58 -6.49 -8.70 -36.70
C ALA B 58 -7.95 -9.08 -36.91
N ASN B 59 -8.41 -10.10 -36.16
CA ASN B 59 -9.81 -10.53 -36.22
C ASN B 59 -10.42 -10.37 -34.83
N ASN B 60 -11.61 -9.78 -34.76
CA ASN B 60 -12.19 -9.56 -33.43
C ASN B 60 -12.39 -10.87 -32.69
N PHE B 61 -12.65 -11.95 -33.44
CA PHE B 61 -12.88 -13.20 -32.73
C PHE B 61 -11.61 -13.79 -32.13
N ASP B 62 -10.44 -13.25 -32.45
CA ASP B 62 -9.17 -13.70 -31.91
C ASP B 62 -8.85 -13.03 -30.57
N PHE B 63 -9.66 -12.09 -30.12
CA PHE B 63 -9.47 -11.44 -28.83
C PHE B 63 -10.41 -12.09 -27.85
N HIS B 64 -9.86 -12.74 -26.83
CA HIS B 64 -10.70 -13.45 -25.87
C HIS B 64 -10.74 -12.63 -24.60
N ILE B 65 -11.92 -12.18 -24.22
CA ILE B 65 -12.05 -11.28 -23.07
C ILE B 65 -12.98 -11.95 -22.04
N LEU B 66 -12.56 -11.96 -20.75
CA LEU B 66 -13.44 -12.44 -19.69
C LEU B 66 -13.53 -11.41 -18.58
N TYR B 67 -14.72 -11.27 -18.02
CA TYR B 67 -14.95 -10.57 -16.76
C TYR B 67 -15.44 -11.64 -15.80
N LYS B 68 -14.62 -12.01 -14.82
CA LYS B 68 -15.01 -13.03 -13.82
C LYS B 68 -15.68 -14.25 -14.47
N GLY B 69 -15.04 -14.77 -15.49
CA GLY B 69 -15.48 -15.98 -16.12
C GLY B 69 -16.51 -15.80 -17.20
N MET B 70 -17.08 -14.60 -17.33
CA MET B 70 -18.04 -14.29 -18.40
C MET B 70 -17.38 -13.72 -19.65
N GLU B 71 -17.66 -14.36 -20.78
CA GLU B 71 -17.10 -13.86 -22.05
C GLU B 71 -17.72 -12.55 -22.49
N LEU B 72 -16.87 -11.69 -23.04
CA LEU B 72 -17.31 -10.44 -23.64
C LEU B 72 -16.89 -10.56 -25.11
N GLN B 73 -17.87 -10.49 -26.02
CA GLN B 73 -17.55 -10.62 -27.43
C GLN B 73 -17.11 -9.28 -28.00
N VAL B 74 -16.02 -9.29 -28.73
CA VAL B 74 -15.51 -8.06 -29.35
C VAL B 74 -16.28 -7.85 -30.65
N VAL B 75 -16.86 -6.65 -30.77
CA VAL B 75 -17.60 -6.28 -31.96
C VAL B 75 -16.98 -5.10 -32.71
N GLY B 76 -15.89 -4.51 -32.22
CA GLY B 76 -15.19 -3.49 -32.98
C GLY B 76 -13.81 -3.30 -32.36
N ARG B 77 -12.84 -2.89 -33.17
CA ARG B 77 -11.50 -2.61 -32.63
C ARG B 77 -10.95 -1.32 -33.23
N GLU B 78 -10.19 -0.57 -32.45
CA GLU B 78 -9.53 0.64 -32.96
C GLU B 78 -8.32 0.92 -32.09
N LEU B 79 -7.38 1.66 -32.63
CA LEU B 79 -6.21 2.10 -31.85
C LEU B 79 -6.47 3.48 -31.29
N VAL B 80 -6.06 3.71 -30.03
CA VAL B 80 -6.15 5.00 -29.38
C VAL B 80 -4.76 5.23 -28.80
N GLY B 81 -3.89 5.87 -29.56
CA GLY B 81 -2.50 6.00 -29.11
C GLY B 81 -1.89 4.64 -28.91
N ALA B 82 -1.28 4.44 -27.74
CA ALA B 82 -0.65 3.17 -27.38
C ALA B 82 -1.66 2.14 -26.85
N LEU B 83 -2.96 2.41 -26.92
CA LEU B 83 -3.95 1.44 -26.47
C LEU B 83 -4.77 0.90 -27.65
N LEU B 84 -5.28 -0.32 -27.46
CA LEU B 84 -6.34 -0.82 -28.31
C LEU B 84 -7.64 -0.59 -27.59
N LYS B 85 -8.66 -0.15 -28.32
CA LYS B 85 -9.98 0.03 -27.74
C LYS B 85 -10.90 -0.99 -28.42
N LEU B 86 -11.42 -1.92 -27.65
CA LEU B 86 -12.23 -3.02 -28.19
C LEU B 86 -13.68 -2.82 -27.78
N LYS B 87 -14.53 -2.47 -28.73
CA LYS B 87 -15.93 -2.37 -28.40
C LYS B 87 -16.47 -3.78 -28.13
N VAL B 88 -17.33 -3.93 -27.12
CA VAL B 88 -17.82 -5.27 -26.79
C VAL B 88 -19.36 -5.28 -26.79
N SER B 89 -19.94 -6.47 -26.87
CA SER B 89 -21.40 -6.48 -27.05
C SER B 89 -22.16 -6.29 -25.75
N MET B 90 -21.47 -6.12 -24.63
CA MET B 90 -22.24 -5.88 -23.42
C MET B 90 -21.71 -4.65 -22.69
N VAL B 91 -22.64 -3.81 -22.23
CA VAL B 91 -22.30 -2.64 -21.44
C VAL B 91 -21.94 -3.08 -20.03
N ASN B 92 -20.88 -2.48 -19.48
CA ASN B 92 -20.56 -2.75 -18.08
C ASN B 92 -21.56 -2.05 -17.19
N ALA B 93 -22.49 -2.83 -16.62
CA ALA B 93 -23.52 -2.22 -15.79
C ALA B 93 -22.94 -1.63 -14.51
N ASN B 94 -21.71 -2.05 -14.13
CA ASN B 94 -21.07 -1.47 -12.96
C ASN B 94 -20.08 -0.36 -13.31
N THR B 95 -20.21 0.24 -14.52
CA THR B 95 -19.31 1.35 -14.86
C THR B 95 -19.45 2.45 -13.81
N PRO B 96 -18.37 2.85 -13.15
CA PRO B 96 -18.49 3.90 -12.12
C PRO B 96 -18.56 5.27 -12.78
N LYS B 97 -18.85 6.27 -11.97
CA LYS B 97 -18.59 7.63 -12.41
C LYS B 97 -17.09 7.81 -12.52
N TYR B 98 -16.63 8.24 -13.69
CA TYR B 98 -15.18 8.28 -13.85
C TYR B 98 -14.78 9.40 -14.80
N LYS B 99 -13.51 9.74 -14.73
CA LYS B 99 -12.84 10.61 -15.71
C LYS B 99 -11.49 10.02 -16.03
N PHE B 100 -10.96 10.41 -17.20
CA PHE B 100 -9.56 10.14 -17.51
C PHE B 100 -8.77 11.40 -17.20
N ALA B 101 -7.72 11.30 -16.39
CA ALA B 101 -6.92 12.46 -16.06
C ALA B 101 -5.46 12.11 -16.20
N LYS B 102 -4.60 13.12 -16.36
CA LYS B 102 -3.17 12.87 -16.42
C LYS B 102 -2.55 13.08 -15.05
N ALA B 103 -1.76 12.12 -14.57
CA ALA B 103 -0.99 12.39 -13.35
C ALA B 103 0.05 13.45 -13.62
N ARG B 104 0.35 14.26 -12.59
CA ARG B 104 1.41 15.26 -12.64
C ARG B 104 2.65 14.74 -11.93
N ILE B 105 3.82 15.19 -12.39
CA ILE B 105 5.08 14.75 -11.78
C ILE B 105 5.01 15.03 -10.28
N GLY B 106 5.38 14.03 -9.46
CA GLY B 106 5.34 14.16 -8.00
C GLY B 106 4.07 13.61 -7.37
N ASP B 107 2.99 13.47 -8.15
CA ASP B 107 1.72 12.96 -7.64
C ASP B 107 1.88 11.50 -7.22
N ASN B 108 1.09 11.10 -6.23
CA ASN B 108 0.83 9.67 -6.03
C ASN B 108 -0.40 9.23 -6.83
N PHE B 109 -0.45 7.93 -7.11
CA PHE B 109 -1.72 7.30 -7.44
C PHE B 109 -1.59 5.81 -7.13
N SER B 110 -2.72 5.11 -7.25
CA SER B 110 -2.82 3.72 -6.81
C SER B 110 -2.77 2.81 -8.00
N ILE B 111 -2.04 1.69 -7.90
CA ILE B 111 -1.99 0.68 -8.97
C ILE B 111 -2.88 -0.48 -8.55
N ALA B 112 -3.81 -0.89 -9.43
CA ALA B 112 -4.58 -2.11 -9.24
C ALA B 112 -3.85 -3.20 -10.05
N CYS B 113 -2.90 -3.87 -9.38
CA CYS B 113 -2.06 -4.84 -10.05
C CYS B 113 -2.86 -6.11 -10.36
N ALA B 114 -2.95 -6.44 -11.63
CA ALA B 114 -3.80 -7.53 -12.04
C ALA B 114 -3.04 -8.57 -12.84
N TYR B 115 -3.54 -9.81 -12.73
CA TYR B 115 -3.06 -10.96 -13.52
C TYR B 115 -4.30 -11.75 -13.91
N ASN B 116 -4.34 -12.20 -15.17
CA ASN B 116 -5.49 -12.98 -15.62
C ASN B 116 -6.81 -12.28 -15.39
N GLY B 117 -6.81 -10.95 -15.45
CA GLY B 117 -8.04 -10.17 -15.33
C GLY B 117 -8.58 -10.07 -13.94
N HIS B 118 -7.77 -10.41 -12.93
CA HIS B 118 -8.18 -10.28 -11.53
C HIS B 118 -7.17 -9.44 -10.79
N VAL B 119 -7.65 -8.43 -10.09
CA VAL B 119 -6.73 -7.62 -9.30
C VAL B 119 -6.17 -8.49 -8.17
N SER B 120 -4.84 -8.56 -8.07
CA SER B 120 -4.20 -9.37 -7.05
C SER B 120 -3.68 -8.56 -5.88
N GLY B 121 -3.37 -7.29 -6.10
CA GLY B 121 -2.74 -6.49 -5.07
C GLY B 121 -2.82 -5.05 -5.47
N LEU B 122 -2.86 -4.14 -4.49
CA LEU B 122 -2.83 -2.70 -4.75
C LEU B 122 -1.58 -2.09 -4.16
N TYR B 123 -1.04 -1.03 -4.78
CA TYR B 123 0.04 -0.30 -4.14
C TYR B 123 0.14 1.13 -4.65
N THR B 124 0.85 1.97 -3.89
CA THR B 124 1.03 3.36 -4.27
C THR B 124 2.24 3.52 -5.16
N VAL B 125 2.15 4.44 -6.12
CA VAL B 125 3.32 4.87 -6.86
C VAL B 125 3.42 6.39 -6.84
N THR B 126 4.56 6.88 -7.34
CA THR B 126 4.82 8.31 -7.51
C THR B 126 5.30 8.55 -8.93
N LEU B 127 4.70 9.50 -9.63
CA LEU B 127 5.20 9.79 -10.98
C LEU B 127 6.54 10.51 -10.90
N ARG B 128 7.57 9.89 -11.44
CA ARG B 128 8.94 10.42 -11.38
C ARG B 128 9.16 11.46 -12.45
N GLU B 129 10.31 12.18 -12.30
CA GLU B 129 10.58 13.34 -13.14
C GLU B 129 10.57 12.98 -14.61
N ASN B 130 11.01 11.76 -14.96
CA ASN B 130 11.08 11.31 -16.34
C ASN B 130 9.84 10.49 -16.72
N GLY B 131 8.76 10.60 -15.95
CA GLY B 131 7.49 9.96 -16.38
C GLY B 131 7.48 8.47 -16.21
N THR B 132 8.31 7.94 -15.31
CA THR B 132 8.35 6.52 -15.01
C THR B 132 7.82 6.33 -13.59
N LEU B 133 7.64 5.06 -13.22
CA LEU B 133 7.25 4.66 -11.88
C LEU B 133 8.23 3.64 -11.35
N LYS B 134 8.27 3.53 -10.02
CA LYS B 134 8.92 2.40 -9.37
C LYS B 134 7.79 1.52 -8.86
N GLY B 135 7.37 0.56 -9.66
CA GLY B 135 6.26 -0.29 -9.30
C GLY B 135 6.67 -1.73 -9.01
N SER B 136 5.71 -2.62 -9.17
CA SER B 136 5.92 -4.05 -8.94
C SER B 136 5.02 -4.77 -9.95
N PHE B 137 5.65 -5.25 -11.03
CA PHE B 137 4.93 -5.79 -12.18
C PHE B 137 5.71 -6.96 -12.76
N MET B 138 4.99 -8.00 -13.11
CA MET B 138 5.58 -9.20 -13.73
C MET B 138 4.89 -9.46 -15.05
N SER B 139 5.38 -10.47 -15.75
CA SER B 139 4.69 -10.93 -16.96
CA SER B 139 4.69 -10.90 -16.96
C SER B 139 3.22 -11.16 -16.67
N GLY B 140 2.36 -10.71 -17.58
CA GLY B 140 0.93 -10.83 -17.41
C GLY B 140 0.23 -9.64 -16.77
N SER B 141 0.98 -8.65 -16.27
CA SER B 141 0.36 -7.54 -15.54
C SER B 141 0.06 -6.34 -16.41
N CYS B 142 0.52 -6.34 -17.67
CA CYS B 142 0.19 -5.18 -18.50
C CYS B 142 -1.33 -4.96 -18.55
N GLY B 143 -1.71 -3.71 -18.80
CA GLY B 143 -3.12 -3.31 -18.69
C GLY B 143 -3.61 -3.03 -17.28
N SER B 144 -2.83 -3.36 -16.24
CA SER B 144 -3.14 -2.89 -14.88
C SER B 144 -3.27 -1.39 -14.92
N VAL B 145 -4.25 -0.85 -14.18
CA VAL B 145 -4.43 0.60 -14.25
C VAL B 145 -3.98 1.29 -12.96
N GLY B 146 -3.62 2.56 -13.13
CA GLY B 146 -3.38 3.47 -12.01
C GLY B 146 -4.59 4.37 -11.88
N TYR B 147 -4.94 4.71 -10.62
CA TYR B 147 -6.19 5.46 -10.45
C TYR B 147 -6.13 6.26 -9.14
N ASN B 148 -7.04 7.20 -9.02
CA ASN B 148 -7.30 7.91 -7.76
C ASN B 148 -8.80 7.85 -7.53
N VAL B 149 -9.22 8.08 -6.28
CA VAL B 149 -10.65 8.12 -5.98
C VAL B 149 -10.91 9.43 -5.28
N THR B 150 -11.89 10.15 -5.78
CA THR B 150 -12.28 11.45 -5.23
C THR B 150 -13.77 11.43 -4.88
N ASN B 151 -14.24 12.55 -4.29
CA ASN B 151 -15.68 12.70 -4.07
C ASN B 151 -16.45 12.55 -5.37
N GLU B 152 -15.86 12.98 -6.49
CA GLU B 152 -16.55 12.97 -7.77
C GLU B 152 -16.68 11.57 -8.38
N GLY B 153 -15.72 10.69 -8.15
CA GLY B 153 -15.76 9.36 -8.74
C GLY B 153 -14.35 8.82 -8.88
N VAL B 154 -14.13 7.90 -9.82
CA VAL B 154 -12.77 7.39 -10.06
C VAL B 154 -12.06 8.27 -11.08
N GLU B 155 -10.74 8.49 -10.91
CA GLU B 155 -9.95 9.09 -11.99
C GLU B 155 -9.00 8.01 -12.46
N PHE B 156 -9.10 7.57 -13.70
CA PHE B 156 -8.10 6.67 -14.26
C PHE B 156 -6.95 7.49 -14.88
N VAL B 157 -5.71 7.28 -14.40
CA VAL B 157 -4.58 8.08 -14.82
C VAL B 157 -3.53 7.26 -15.57
N TYR B 158 -3.53 5.92 -15.47
CA TYR B 158 -2.38 5.16 -15.97
C TYR B 158 -2.79 3.76 -16.40
N MET B 159 -2.08 3.22 -17.40
CA MET B 159 -2.26 1.82 -17.73
C MET B 159 -0.87 1.31 -18.05
N HIS B 160 -0.51 0.16 -17.52
CA HIS B 160 0.88 -0.32 -17.54
C HIS B 160 1.26 -1.02 -18.85
N HIS B 161 2.48 -0.70 -19.36
CA HIS B 161 2.99 -1.30 -20.60
C HIS B 161 4.36 -1.98 -20.50
N LEU B 162 5.32 -1.44 -19.70
CA LEU B 162 6.68 -1.98 -19.90
C LEU B 162 7.59 -1.73 -18.69
N GLU B 163 8.67 -2.49 -18.65
CA GLU B 163 9.71 -2.33 -17.61
C GLU B 163 11.01 -2.00 -18.30
N LEU B 164 11.55 -0.85 -18.02
CA LEU B 164 12.87 -0.47 -18.49
C LEU B 164 13.98 -1.02 -17.57
N PRO B 165 15.21 -1.14 -18.09
CA PRO B 165 16.31 -1.64 -17.25
C PRO B 165 16.41 -0.88 -15.94
N GLY B 166 16.74 -1.63 -14.87
CA GLY B 166 16.77 -1.04 -13.56
C GLY B 166 15.44 -1.03 -12.88
N CYS B 167 14.49 -1.79 -13.40
CA CYS B 167 13.17 -1.89 -12.79
C CYS B 167 12.49 -0.54 -12.78
N VAL B 168 12.45 0.07 -13.96
CA VAL B 168 11.81 1.36 -14.17
C VAL B 168 10.56 1.09 -14.99
N HIS B 169 9.39 1.37 -14.43
CA HIS B 169 8.17 1.00 -15.10
C HIS B 169 7.57 2.16 -15.91
N GLY B 170 7.01 1.84 -17.07
CA GLY B 170 6.48 2.82 -17.98
C GLY B 170 5.11 2.45 -18.51
N GLY B 171 4.32 3.47 -18.81
CA GLY B 171 2.99 3.20 -19.31
C GLY B 171 2.41 4.47 -19.88
N SER B 172 1.09 4.45 -20.08
CA SER B 172 0.40 5.57 -20.74
C SER B 172 -0.74 6.05 -19.87
N ASP B 173 -1.33 7.17 -20.25
CA ASP B 173 -2.62 7.57 -19.71
C ASP B 173 -3.72 6.81 -20.44
N LEU B 174 -4.98 7.11 -20.16
CA LEU B 174 -6.02 6.27 -20.76
C LEU B 174 -6.41 6.79 -22.13
N HIS B 175 -5.74 7.84 -22.59
CA HIS B 175 -5.80 8.26 -23.98
C HIS B 175 -4.67 7.66 -24.78
N GLY B 176 -3.87 6.77 -24.19
CA GLY B 176 -2.80 6.11 -24.88
C GLY B 176 -1.56 6.97 -25.13
N ILE B 177 -1.32 7.99 -24.31
CA ILE B 177 -0.14 8.83 -24.42
C ILE B 177 0.90 8.37 -23.39
N PHE B 178 2.11 8.00 -23.86
CA PHE B 178 3.15 7.54 -22.91
C PHE B 178 3.54 8.68 -21.97
N TYR B 179 3.83 8.33 -20.70
CA TYR B 179 4.13 9.36 -19.71
C TYR B 179 5.54 9.96 -19.81
N GLY B 180 6.46 9.33 -20.55
CA GLY B 180 7.79 9.93 -20.67
C GLY B 180 8.35 9.52 -22.03
N GLY B 181 9.64 9.71 -22.28
CA GLY B 181 10.13 9.58 -23.66
C GLY B 181 10.56 8.18 -23.99
N TYR B 182 9.67 7.22 -23.74
CA TYR B 182 9.88 5.82 -24.03
C TYR B 182 8.69 5.34 -24.87
N VAL B 183 8.88 4.18 -25.50
CA VAL B 183 7.81 3.54 -26.26
C VAL B 183 7.77 2.06 -25.92
N ASP B 184 6.70 1.42 -26.42
CA ASP B 184 6.43 0.02 -26.15
C ASP B 184 7.13 -0.86 -27.17
N GLU B 185 8.48 -0.85 -27.11
CA GLU B 185 9.32 -1.67 -27.96
C GLU B 185 10.49 -2.20 -27.14
N GLU B 186 10.91 -3.43 -27.40
CA GLU B 186 11.98 -4.06 -26.61
C GLU B 186 13.32 -3.79 -27.28
N VAL B 187 13.67 -2.51 -27.27
CA VAL B 187 14.95 -2.02 -27.76
C VAL B 187 15.48 -1.08 -26.67
N LEU B 188 16.80 -0.91 -26.66
CA LEU B 188 17.38 0.01 -25.70
C LEU B 188 16.90 1.43 -25.96
N GLN B 189 16.55 2.12 -24.89
CA GLN B 189 16.01 3.47 -24.95
C GLN B 189 16.72 4.34 -23.91
N ARG B 190 17.19 5.50 -24.33
CA ARG B 190 17.81 6.43 -23.41
C ARG B 190 16.72 7.41 -23.02
N ILE B 191 16.55 7.56 -21.71
CA ILE B 191 15.47 8.30 -21.06
C ILE B 191 16.11 9.29 -20.11
N PRO B 192 15.54 10.48 -19.96
CA PRO B 192 16.10 11.47 -19.01
C PRO B 192 16.17 10.92 -17.60
N PRO B 193 17.00 11.52 -16.74
CA PRO B 193 17.16 11.00 -15.39
C PRO B 193 15.93 11.31 -14.54
N ALA B 194 15.93 10.73 -13.34
CA ALA B 194 14.84 10.93 -12.37
C ALA B 194 15.45 11.57 -11.13
N PRO B 195 15.61 12.89 -11.09
CA PRO B 195 16.11 13.52 -9.86
C PRO B 195 15.08 13.37 -8.74
N ALA B 196 15.60 13.41 -7.51
CA ALA B 196 14.76 13.32 -6.32
C ALA B 196 13.85 14.53 -6.21
N ASN B 197 12.62 14.29 -5.81
CA ASN B 197 11.62 15.31 -5.83
C ASN B 197 11.70 16.11 -4.54
N SER B 198 12.34 17.28 -4.58
CA SER B 198 12.54 18.06 -3.36
C SER B 198 11.24 18.43 -2.64
N ARG B 199 10.20 18.81 -3.40
CA ARG B 199 8.91 19.16 -2.85
C ARG B 199 8.38 18.01 -2.00
N ASN B 200 8.40 16.81 -2.58
CA ASN B 200 7.89 15.66 -1.82
C ASN B 200 8.75 15.41 -0.59
N ILE B 201 10.08 15.60 -0.70
CA ILE B 201 10.94 15.38 0.48
C ILE B 201 10.57 16.36 1.59
N VAL B 202 10.29 17.62 1.26
CA VAL B 202 9.84 18.58 2.26
C VAL B 202 8.58 18.07 2.95
N ALA B 203 7.63 17.53 2.15
CA ALA B 203 6.40 17.00 2.77
C ALA B 203 6.73 15.87 3.73
N TRP B 204 7.64 14.98 3.35
CA TRP B 204 7.98 13.86 4.23
C TRP B 204 8.69 14.33 5.50
N LEU B 205 9.60 15.31 5.38
CA LEU B 205 10.26 15.83 6.58
C LEU B 205 9.23 16.49 7.50
N TYR B 206 8.24 17.18 6.96
CA TYR B 206 7.16 17.66 7.85
C TYR B 206 6.41 16.50 8.51
N ALA B 207 6.13 15.45 7.72
CA ALA B 207 5.48 14.27 8.31
C ALA B 207 6.26 13.76 9.50
N ALA B 208 7.59 13.74 9.37
CA ALA B 208 8.45 13.26 10.46
C ALA B 208 8.25 14.15 11.70
N VAL B 209 8.27 15.47 11.50
CA VAL B 209 8.09 16.39 12.67
C VAL B 209 6.71 16.20 13.31
N TYR B 210 5.66 16.10 12.51
CA TYR B 210 4.34 15.72 13.01
C TYR B 210 4.36 14.50 13.91
N ASN B 211 5.18 13.50 13.60
CA ASN B 211 5.30 12.26 14.33
C ASN B 211 6.43 12.26 15.35
N ASN B 212 6.83 13.46 15.84
CA ASN B 212 7.83 13.61 16.90
C ASN B 212 9.20 13.13 16.50
N CYS B 213 9.45 13.05 15.21
CA CYS B 213 10.75 12.71 14.70
C CYS B 213 11.33 14.01 14.16
N ASP B 214 12.12 14.72 15.01
CA ASP B 214 12.49 16.05 14.58
C ASP B 214 13.93 16.35 14.95
N TRP B 215 14.69 15.30 15.26
CA TRP B 215 16.08 15.51 15.65
C TRP B 215 16.86 16.32 14.62
N PHE B 216 16.50 16.25 13.34
CA PHE B 216 17.29 16.88 12.30
C PHE B 216 17.00 18.38 12.20
N VAL B 217 16.04 18.90 12.94
CA VAL B 217 15.86 20.36 13.05
C VAL B 217 15.88 20.85 14.49
N LYS B 218 15.61 20.02 15.49
CA LYS B 218 15.52 20.47 16.88
C LYS B 218 16.86 20.47 17.59
N TYR B 219 17.87 19.83 17.00
CA TYR B 219 19.16 19.62 17.64
C TYR B 219 20.24 20.16 16.71
N GLY B 220 21.15 20.96 17.23
CA GLY B 220 21.98 21.79 16.40
C GLY B 220 21.32 23.15 16.31
N PRO B 221 22.12 24.21 16.14
CA PRO B 221 21.51 25.54 16.03
C PRO B 221 20.69 25.57 14.75
N LYS B 222 19.65 26.40 14.76
CA LYS B 222 18.76 26.48 13.60
C LYS B 222 19.57 26.79 12.34
N GLN B 223 19.22 26.11 11.25
CA GLN B 223 19.74 26.45 9.94
C GLN B 223 18.61 26.69 8.96
N VAL B 224 18.85 27.60 8.04
CA VAL B 224 17.89 27.83 6.98
C VAL B 224 18.65 27.95 5.68
N MET B 225 17.99 27.53 4.59
CA MET B 225 18.58 27.78 3.28
C MET B 225 17.50 28.38 2.40
N SER B 226 17.86 29.47 1.72
CA SER B 226 16.88 30.15 0.89
C SER B 226 16.50 29.25 -0.27
N VAL B 227 15.31 29.46 -0.79
CA VAL B 227 14.87 28.75 -1.99
C VAL B 227 15.89 28.91 -3.11
N GLU B 228 16.32 30.17 -3.34
CA GLU B 228 17.24 30.43 -4.42
C GLU B 228 18.52 29.63 -4.22
N ASP B 229 19.09 29.67 -3.02
CA ASP B 229 20.31 28.92 -2.75
C ASP B 229 20.06 27.42 -2.87
N PHE B 230 18.92 26.96 -2.34
CA PHE B 230 18.61 25.53 -2.45
C PHE B 230 18.49 25.09 -3.90
N ASN B 231 17.81 25.88 -4.73
CA ASN B 231 17.69 25.50 -6.14
C ASN B 231 19.05 25.39 -6.80
N GLU B 232 19.96 26.32 -6.50
CA GLU B 232 21.23 26.25 -7.21
C GLU B 232 22.02 25.03 -6.76
N TRP B 233 21.93 24.73 -5.45
CA TRP B 233 22.55 23.51 -4.95
C TRP B 233 21.88 22.29 -5.61
N ALA B 234 20.56 22.29 -5.63
CA ALA B 234 19.83 21.09 -6.08
C ALA B 234 20.19 20.73 -7.54
N SER B 235 20.38 21.74 -8.38
CA SER B 235 20.66 21.53 -9.79
C SER B 235 21.98 20.84 -10.01
N GLY B 236 22.92 20.93 -9.07
CA GLY B 236 24.17 20.20 -9.15
C GLY B 236 24.21 18.91 -8.36
N TYR B 237 23.11 18.54 -7.68
CA TYR B 237 23.26 17.41 -6.78
C TYR B 237 22.14 16.39 -6.97
N GLY B 238 21.42 16.46 -8.08
CA GLY B 238 20.45 15.42 -8.43
C GLY B 238 19.12 15.55 -7.74
N PHE B 239 18.76 16.74 -7.29
CA PHE B 239 17.43 17.07 -6.72
C PHE B 239 16.70 18.05 -7.63
N THR B 240 15.37 18.00 -7.59
CA THR B 240 14.57 18.92 -8.35
C THR B 240 14.57 20.30 -7.72
N LYS B 241 14.36 21.30 -8.58
CA LYS B 241 14.13 22.64 -8.08
C LYS B 241 12.93 22.62 -7.15
N PHE B 242 13.01 23.37 -6.05
CA PHE B 242 11.90 23.37 -5.10
C PHE B 242 10.63 23.93 -5.72
N GLU B 243 9.47 23.31 -5.39
CA GLU B 243 8.17 23.84 -5.77
C GLU B 243 7.29 23.88 -4.55
N TYR B 244 6.57 24.99 -4.39
CA TYR B 244 5.75 25.16 -3.22
C TYR B 244 4.46 24.37 -3.36
N HIS B 245 3.85 24.08 -2.22
CA HIS B 245 2.57 23.42 -2.16
C HIS B 245 1.79 24.02 -1.01
N LEU B 246 0.48 24.25 -1.23
CA LEU B 246 -0.33 24.87 -0.19
C LEU B 246 -0.32 24.09 1.11
N ALA B 247 -0.08 22.76 1.06
CA ALA B 247 0.03 22.01 2.30
C ALA B 247 1.07 22.60 3.25
N PHE B 248 2.13 23.17 2.71
CA PHE B 248 3.22 23.63 3.54
C PHE B 248 2.79 24.78 4.45
N ASP B 249 1.76 25.52 4.05
CA ASP B 249 1.20 26.55 4.92
C ASP B 249 0.65 25.93 6.18
N VAL B 250 -0.10 24.83 6.02
CA VAL B 250 -0.61 24.10 7.16
C VAL B 250 0.53 23.51 7.99
N PHE B 251 1.47 22.81 7.31
CA PHE B 251 2.47 22.08 8.06
C PHE B 251 3.37 23.02 8.85
N SER B 252 3.77 24.12 8.23
CA SER B 252 4.72 25.02 8.89
C SER B 252 4.06 25.68 10.10
N ALA B 253 2.79 26.04 9.95
CA ALA B 253 2.03 26.62 11.04
C ALA B 253 1.88 25.64 12.20
N ALA B 254 1.58 24.36 11.91
CA ALA B 254 1.30 23.41 12.97
C ALA B 254 2.57 22.96 13.68
N THR B 255 3.68 22.95 12.97
CA THR B 255 4.92 22.41 13.53
C THR B 255 5.85 23.48 14.07
N GLY B 256 5.71 24.70 13.59
CA GLY B 256 6.66 25.77 13.87
C GLY B 256 7.98 25.66 13.13
N VAL B 257 8.10 24.74 12.17
CA VAL B 257 9.30 24.61 11.37
C VAL B 257 9.06 25.21 9.99
N SER B 258 9.99 26.05 9.53
CA SER B 258 9.79 26.75 8.28
C SER B 258 10.22 25.87 7.09
N VAL B 259 9.73 26.24 5.90
CA VAL B 259 10.19 25.56 4.68
C VAL B 259 11.70 25.69 4.49
N GLU B 260 12.26 26.87 4.79
CA GLU B 260 13.68 27.08 4.65
C GLU B 260 14.50 26.26 5.60
N GLN B 261 13.96 25.94 6.79
CA GLN B 261 14.65 24.97 7.62
C GLN B 261 14.66 23.59 6.97
N MET B 262 13.52 23.20 6.37
CA MET B 262 13.52 21.92 5.65
C MET B 262 14.47 21.87 4.46
N LEU B 263 14.62 22.98 3.71
CA LEU B 263 15.58 22.93 2.59
C LEU B 263 17.01 22.75 3.11
N ALA B 264 17.35 23.46 4.19
CA ALA B 264 18.68 23.26 4.75
C ALA B 264 18.87 21.83 5.25
N ALA B 265 17.80 21.22 5.81
CA ALA B 265 17.89 19.83 6.21
C ALA B 265 18.16 18.93 5.01
N ILE B 266 17.50 19.17 3.90
CA ILE B 266 17.70 18.32 2.73
C ILE B 266 19.17 18.35 2.30
N LYS B 267 19.72 19.55 2.23
CA LYS B 267 21.13 19.64 1.86
C LYS B 267 22.01 18.90 2.86
N GLU B 268 21.75 19.06 4.18
CA GLU B 268 22.57 18.37 5.16
C GLU B 268 22.44 16.85 5.07
N LEU B 269 21.23 16.33 4.74
CA LEU B 269 20.90 14.92 4.82
C LEU B 269 20.98 14.21 3.48
N ALA B 270 21.45 14.90 2.44
CA ALA B 270 21.34 14.44 1.05
C ALA B 270 22.25 13.26 0.77
N ASP B 271 23.33 13.09 1.50
CA ASP B 271 24.14 11.88 1.40
C ASP B 271 23.76 10.83 2.42
N GLY B 272 22.64 10.97 3.12
CA GLY B 272 22.29 9.99 4.12
C GLY B 272 22.84 10.36 5.48
N TRP B 273 22.55 9.49 6.45
CA TRP B 273 22.89 9.78 7.84
C TRP B 273 22.84 8.46 8.59
N ASN B 274 23.40 8.44 9.80
CA ASN B 274 23.24 7.27 10.65
C ASN B 274 22.87 7.61 12.06
N TYR B 275 22.65 8.89 12.37
CA TYR B 275 22.40 9.31 13.75
C TYR B 275 21.17 8.63 14.33
N ALA B 276 20.06 8.66 13.60
CA ALA B 276 18.81 8.04 14.04
C ALA B 276 17.92 7.97 12.83
N PRO B 277 16.94 7.08 12.82
CA PRO B 277 16.08 7.01 11.65
C PRO B 277 15.19 8.26 11.57
N VAL B 278 14.71 8.54 10.36
CA VAL B 278 13.63 9.50 10.15
C VAL B 278 12.49 8.70 9.53
N LEU B 279 11.38 8.54 10.26
CA LEU B 279 10.28 7.68 9.79
C LEU B 279 10.80 6.33 9.29
N GLY B 280 11.75 5.77 10.05
CA GLY B 280 12.25 4.45 9.77
C GLY B 280 13.41 4.40 8.79
N SER B 281 13.77 5.53 8.20
CA SER B 281 14.71 5.57 7.09
C SER B 281 16.02 6.29 7.44
N PHE B 282 17.06 5.95 6.68
CA PHE B 282 18.36 6.61 6.77
C PHE B 282 18.72 7.32 5.47
N HIS B 283 17.72 7.53 4.58
CA HIS B 283 17.91 8.37 3.41
C HIS B 283 16.60 9.11 3.17
N LEU B 284 16.71 10.25 2.46
CA LEU B 284 15.54 11.09 2.22
C LEU B 284 14.55 10.36 1.32
N ASP B 285 13.29 10.52 1.63
CA ASP B 285 12.22 9.80 0.88
C ASP B 285 11.43 10.82 0.09
N ASP B 286 11.43 10.69 -1.26
CA ASP B 286 10.70 11.64 -2.10
C ASP B 286 9.38 11.05 -2.64
N GLU B 287 8.94 9.92 -2.09
CA GLU B 287 7.82 9.20 -2.70
C GLU B 287 6.47 9.71 -2.22
N TYR B 288 6.41 10.48 -1.14
CA TYR B 288 5.12 10.95 -0.64
C TYR B 288 4.77 12.32 -1.20
N SER B 289 3.64 12.44 -1.89
CA SER B 289 3.16 13.77 -2.27
C SER B 289 2.68 14.57 -1.05
N PRO B 290 2.60 15.88 -1.18
CA PRO B 290 2.06 16.67 -0.06
C PRO B 290 0.65 16.25 0.29
N GLU B 291 -0.16 15.85 -0.72
CA GLU B 291 -1.53 15.43 -0.44
C GLU B 291 -1.53 14.20 0.46
N MET B 292 -0.63 13.26 0.17
CA MET B 292 -0.64 11.99 0.92
C MET B 292 -0.28 12.27 2.36
N ILE B 293 0.67 13.19 2.57
CA ILE B 293 1.03 13.50 3.95
C ILE B 293 -0.09 14.25 4.65
N MET B 294 -0.73 15.21 3.97
CA MET B 294 -1.83 15.96 4.62
C MET B 294 -2.94 15.04 5.05
N GLN B 295 -3.26 14.05 4.23
CA GLN B 295 -4.34 13.17 4.62
C GLN B 295 -4.04 12.37 5.90
N GLN B 296 -2.79 12.33 6.37
CA GLN B 296 -2.42 11.55 7.54
C GLN B 296 -1.99 12.38 8.71
N THR B 297 -1.98 13.70 8.53
CA THR B 297 -1.54 14.56 9.60
C THR B 297 -2.63 15.55 10.00
N SER B 298 -3.66 15.74 9.19
CA SER B 298 -4.64 16.79 9.40
C SER B 298 -5.68 16.74 8.29
#